data_4WCW
#
_entry.id   4WCW
#
_cell.length_a   50.975
_cell.length_b   50.975
_cell.length_c   64.546
_cell.angle_alpha   110.27
_cell.angle_beta   96.17
_cell.angle_gamma   110.59
#
_symmetry.space_group_name_H-M   'P 1'
#
loop_
_entity.id
_entity.type
_entity.pdbx_description
1 polymer 'Ribosomal silencing factor RsfS'
2 non-polymer 'MAGNESIUM ION'
3 non-polymer (4S)-2-METHYL-2,4-PENTANEDIOL
4 water water
#
_entity_poly.entity_id   1
_entity_poly.type   'polypeptide(L)'
_entity_poly.pdbx_seq_one_letter_code
;MTANREAIDMARVAAGAAAAKLADDVVVIDVSGQLVITDCFVIASGSNERQVNAIVDEVEEKMRQAGYRPARREGAREGR
WTLLDYRDIVVHIQHQDDRNFAALDRLWGDCPVVPVDLSANSAGAQKLAAALEHHHHHH
;
_entity_poly.pdbx_strand_id   A,B,C,D
#
loop_
_chem_comp.id
_chem_comp.type
_chem_comp.name
_chem_comp.formula
MG non-polymer 'MAGNESIUM ION' 'Mg 2'
MPD non-polymer (4S)-2-METHYL-2,4-PENTANEDIOL 'C6 H14 O2'
#
# COMPACT_ATOMS: atom_id res chain seq x y z
N THR A 2 -9.47 -1.40 -20.99
CA THR A 2 -9.65 -1.21 -19.55
C THR A 2 -10.53 -2.29 -18.96
N ALA A 3 -11.05 -2.02 -17.76
CA ALA A 3 -11.88 -2.99 -17.05
C ALA A 3 -13.33 -2.99 -17.55
N ASN A 4 -13.93 -4.17 -17.63
CA ASN A 4 -15.33 -4.29 -18.06
C ASN A 4 -16.28 -3.53 -17.15
N ARG A 5 -17.37 -3.04 -17.72
CA ARG A 5 -18.31 -2.18 -16.98
C ARG A 5 -18.95 -2.93 -15.83
N GLU A 6 -19.24 -4.20 -16.07
CA GLU A 6 -19.86 -5.05 -15.06
C GLU A 6 -18.95 -5.18 -13.84
N ALA A 7 -17.66 -5.36 -14.11
CA ALA A 7 -16.66 -5.46 -13.04
C ALA A 7 -16.53 -4.15 -12.25
N ILE A 8 -16.61 -3.02 -12.95
CA ILE A 8 -16.53 -1.73 -12.26
C ILE A 8 -17.74 -1.52 -11.36
N ASP A 9 -18.91 -1.91 -11.83
CA ASP A 9 -20.13 -1.80 -11.03
C ASP A 9 -20.04 -2.63 -9.75
N MET A 10 -19.48 -3.84 -9.86
CA MET A 10 -19.24 -4.70 -8.71
C MET A 10 -18.29 -4.02 -7.74
N ALA A 11 -17.24 -3.41 -8.29
CA ALA A 11 -16.24 -2.70 -7.50
C ALA A 11 -16.86 -1.52 -6.78
N ARG A 12 -17.78 -0.82 -7.46
CA ARG A 12 -18.49 0.32 -6.87
C ARG A 12 -19.26 -0.08 -5.62
N VAL A 13 -19.95 -1.22 -5.69
CA VAL A 13 -20.71 -1.74 -4.57
C VAL A 13 -19.82 -2.10 -3.39
N ALA A 14 -18.73 -2.81 -3.69
CA ALA A 14 -17.77 -3.22 -2.66
C ALA A 14 -17.11 -2.02 -1.98
N ALA A 15 -16.67 -1.06 -2.77
CA ALA A 15 -16.00 0.13 -2.24
C ALA A 15 -16.94 1.02 -1.45
N GLY A 16 -18.20 1.09 -1.89
CA GLY A 16 -19.20 1.87 -1.18
C GLY A 16 -19.54 1.26 0.16
N ALA A 17 -19.50 -0.07 0.22
CA ALA A 17 -19.75 -0.80 1.46
C ALA A 17 -18.63 -0.55 2.48
N ALA A 18 -17.38 -0.60 2.02
CA ALA A 18 -16.24 -0.32 2.89
C ALA A 18 -16.27 1.12 3.37
N ALA A 19 -16.62 2.04 2.49
CA ALA A 19 -16.71 3.45 2.87
C ALA A 19 -17.82 3.68 3.90
N ALA A 20 -18.89 2.90 3.78
CA ALA A 20 -20.01 3.00 4.72
C ALA A 20 -19.60 2.63 6.13
N LYS A 21 -18.56 1.81 6.27
CA LYS A 21 -18.02 1.44 7.57
C LYS A 21 -16.74 2.22 7.89
N LEU A 22 -16.56 3.36 7.21
CA LEU A 22 -15.45 4.26 7.48
C LEU A 22 -14.06 3.65 7.22
N ALA A 23 -13.97 2.76 6.25
CA ALA A 23 -12.68 2.20 5.88
C ALA A 23 -11.73 3.27 5.36
N ASP A 24 -10.44 3.03 5.51
CA ASP A 24 -9.41 3.89 4.93
C ASP A 24 -8.85 3.14 3.72
N ASP A 25 -8.06 3.82 2.90
CA ASP A 25 -7.42 3.19 1.73
C ASP A 25 -8.41 2.53 0.76
N VAL A 26 -9.60 3.10 0.62
CA VAL A 26 -10.59 2.53 -0.31
C VAL A 26 -10.27 2.93 -1.74
N VAL A 27 -9.57 2.07 -2.47
CA VAL A 27 -9.22 2.34 -3.88
C VAL A 27 -9.59 1.16 -4.78
N VAL A 28 -10.12 1.47 -5.97
CA VAL A 28 -10.40 0.45 -6.98
C VAL A 28 -9.29 0.48 -8.01
N ILE A 29 -8.57 -0.64 -8.13
CA ILE A 29 -7.47 -0.75 -9.07
C ILE A 29 -7.89 -1.50 -10.33
N ASP A 30 -7.65 -0.89 -11.49
CA ASP A 30 -7.94 -1.55 -12.77
C ASP A 30 -6.78 -2.46 -13.11
N VAL A 31 -6.93 -3.75 -12.86
CA VAL A 31 -5.88 -4.72 -13.18
C VAL A 31 -6.18 -5.48 -14.48
N SER A 32 -7.07 -4.92 -15.31
CA SER A 32 -7.48 -5.61 -16.53
C SER A 32 -6.35 -5.77 -17.54
N GLY A 33 -5.33 -4.92 -17.44
CA GLY A 33 -4.19 -4.98 -18.34
C GLY A 33 -3.07 -5.87 -17.82
N GLN A 34 -3.28 -6.43 -16.64
CA GLN A 34 -2.27 -7.28 -15.99
C GLN A 34 -2.71 -8.73 -15.85
N LEU A 35 -4.01 -8.92 -15.60
CA LEU A 35 -4.53 -10.25 -15.31
C LEU A 35 -5.52 -10.68 -16.40
N VAL A 36 -5.72 -12.00 -16.51
CA VAL A 36 -6.58 -12.53 -17.56
C VAL A 36 -8.02 -12.79 -17.11
N ILE A 37 -8.24 -12.80 -15.81
CA ILE A 37 -9.59 -13.00 -15.27
C ILE A 37 -10.12 -11.80 -14.49
N THR A 38 -9.50 -11.49 -13.36
CA THR A 38 -9.96 -10.38 -12.55
C THR A 38 -9.71 -9.05 -13.24
N ASP A 39 -10.68 -8.14 -13.17
CA ASP A 39 -10.55 -6.82 -13.80
C ASP A 39 -10.33 -5.70 -12.80
N CYS A 40 -10.86 -5.86 -11.60
CA CYS A 40 -10.77 -4.83 -10.57
C CYS A 40 -10.25 -5.43 -9.26
N PHE A 41 -9.30 -4.75 -8.65
CA PHE A 41 -8.89 -5.06 -7.29
C PHE A 41 -9.38 -3.95 -6.36
N VAL A 42 -10.02 -4.32 -5.27
CA VAL A 42 -10.52 -3.33 -4.30
C VAL A 42 -9.81 -3.48 -2.96
N ILE A 43 -9.15 -2.39 -2.56
CA ILE A 43 -8.39 -2.32 -1.32
C ILE A 43 -9.19 -1.58 -0.25
N ALA A 44 -9.09 -2.03 0.99
CA ALA A 44 -9.69 -1.30 2.10
C ALA A 44 -8.95 -1.62 3.38
N SER A 45 -8.97 -0.68 4.32
CA SER A 45 -8.27 -0.88 5.58
C SER A 45 -9.11 -0.44 6.77
N GLY A 46 -8.95 -1.12 7.89
CA GLY A 46 -9.61 -0.72 9.13
C GLY A 46 -8.55 -0.37 10.15
N SER A 47 -8.93 0.45 11.14
CA SER A 47 -8.00 0.88 12.17
C SER A 47 -7.95 -0.11 13.32
N ASN A 48 -9.00 -0.91 13.45
CA ASN A 48 -8.98 -2.03 14.41
C ASN A 48 -9.64 -3.27 13.82
N GLU A 49 -9.48 -4.40 14.48
CA GLU A 49 -9.95 -5.68 13.94
C GLU A 49 -11.48 -5.77 13.89
N ARG A 50 -12.15 -5.08 14.80
CA ARG A 50 -13.60 -5.00 14.77
C ARG A 50 -14.07 -4.34 13.47
N GLN A 51 -13.39 -3.25 13.11
CA GLN A 51 -13.75 -2.51 11.90
C GLN A 51 -13.44 -3.33 10.65
N VAL A 52 -12.26 -3.96 10.64
CA VAL A 52 -11.88 -4.82 9.53
C VAL A 52 -12.99 -5.82 9.24
N ASN A 53 -13.51 -6.43 10.30
CA ASN A 53 -14.54 -7.45 10.13
C ASN A 53 -15.90 -6.84 9.79
N ALA A 54 -16.15 -5.62 10.24
CA ALA A 54 -17.39 -4.93 9.87
C ALA A 54 -17.35 -4.49 8.40
N ILE A 55 -16.17 -4.13 7.91
CA ILE A 55 -15.98 -3.83 6.49
C ILE A 55 -16.19 -5.08 5.65
N VAL A 56 -15.57 -6.19 6.07
CA VAL A 56 -15.74 -7.47 5.40
C VAL A 56 -17.22 -7.87 5.27
N ASP A 57 -17.95 -7.79 6.37
CA ASP A 57 -19.35 -8.23 6.39
C ASP A 57 -20.27 -7.28 5.63
N GLU A 58 -19.96 -5.99 5.68
CA GLU A 58 -20.72 -5.02 4.90
C GLU A 58 -20.55 -5.27 3.40
N VAL A 59 -19.33 -5.57 2.98
CA VAL A 59 -19.08 -5.83 1.56
C VAL A 59 -19.85 -7.06 1.09
N GLU A 60 -19.79 -8.13 1.86
CA GLU A 60 -20.52 -9.34 1.52
C GLU A 60 -22.03 -9.11 1.46
N GLU A 61 -22.57 -8.43 2.48
CA GLU A 61 -24.01 -8.14 2.51
C GLU A 61 -24.45 -7.27 1.34
N LYS A 62 -23.64 -6.28 0.97
CA LYS A 62 -23.99 -5.41 -0.14
C LYS A 62 -23.81 -6.13 -1.48
N MET A 63 -22.84 -7.03 -1.55
CA MET A 63 -22.65 -7.81 -2.77
C MET A 63 -23.82 -8.78 -2.95
N ARG A 64 -24.31 -9.34 -1.85
CA ARG A 64 -25.48 -10.22 -1.91
C ARG A 64 -26.71 -9.46 -2.40
N GLN A 65 -26.90 -8.23 -1.91
CA GLN A 65 -28.01 -7.40 -2.34
C GLN A 65 -27.88 -7.04 -3.82
N ALA A 66 -26.64 -6.96 -4.31
CA ALA A 66 -26.40 -6.66 -5.72
C ALA A 66 -26.68 -7.89 -6.58
N GLY A 67 -26.96 -9.02 -5.93
CA GLY A 67 -27.35 -10.23 -6.62
C GLY A 67 -26.24 -11.23 -6.85
N TYR A 68 -25.04 -10.94 -6.36
CA TYR A 68 -23.91 -11.82 -6.60
C TYR A 68 -23.81 -12.97 -5.61
N ARG A 69 -23.16 -14.05 -6.02
CA ARG A 69 -22.98 -15.23 -5.18
C ARG A 69 -21.88 -14.92 -4.17
N PRO A 70 -21.92 -15.55 -2.98
CA PRO A 70 -20.89 -15.31 -1.96
C PRO A 70 -19.47 -15.44 -2.50
N ALA A 71 -18.60 -14.55 -2.04
CA ALA A 71 -17.19 -14.60 -2.45
C ALA A 71 -16.55 -15.89 -2.01
N ARG A 72 -15.54 -16.33 -2.78
CA ARG A 72 -14.64 -17.35 -2.27
C ARG A 72 -13.74 -16.59 -1.31
N ARG A 73 -13.65 -17.04 -0.07
CA ARG A 73 -12.95 -16.27 0.94
C ARG A 73 -11.60 -16.87 1.32
N GLU A 74 -10.73 -16.02 1.83
CA GLU A 74 -9.48 -16.46 2.43
C GLU A 74 -8.98 -15.45 3.46
N GLY A 75 -8.23 -15.95 4.43
CA GLY A 75 -7.63 -15.12 5.46
C GLY A 75 -6.58 -15.94 6.18
N ALA A 76 -5.74 -15.27 6.97
CA ALA A 76 -4.75 -15.98 7.78
C ALA A 76 -5.39 -16.26 9.13
N ARG A 77 -5.14 -17.44 9.68
CA ARG A 77 -5.70 -17.80 10.97
C ARG A 77 -5.14 -16.90 12.07
N GLU A 78 -3.88 -16.49 11.92
CA GLU A 78 -3.24 -15.61 12.89
C GLU A 78 -3.16 -14.16 12.38
N GLY A 79 -3.67 -13.92 11.18
CA GLY A 79 -3.57 -12.60 10.60
C GLY A 79 -4.81 -11.75 10.79
N ARG A 80 -4.76 -10.52 10.32
CA ARG A 80 -5.92 -9.63 10.40
C ARG A 80 -6.31 -9.12 9.02
N TRP A 81 -6.30 -10.02 8.05
CA TRP A 81 -6.76 -9.72 6.69
C TRP A 81 -7.84 -10.70 6.24
N THR A 82 -8.62 -10.28 5.26
CA THR A 82 -9.58 -11.17 4.60
C THR A 82 -9.61 -10.88 3.12
N LEU A 83 -9.64 -11.94 2.32
CA LEU A 83 -9.67 -11.81 0.88
C LEU A 83 -11.01 -12.30 0.35
N LEU A 84 -11.70 -11.46 -0.42
CA LEU A 84 -12.98 -11.85 -1.02
C LEU A 84 -12.85 -11.93 -2.54
N ASP A 85 -12.96 -13.14 -3.08
CA ASP A 85 -12.86 -13.32 -4.52
C ASP A 85 -14.23 -13.44 -5.17
N TYR A 86 -14.61 -12.42 -5.95
CA TYR A 86 -15.84 -12.43 -6.73
C TYR A 86 -15.54 -12.67 -8.23
N ARG A 87 -14.32 -13.13 -8.50
CA ARG A 87 -13.83 -13.41 -9.86
C ARG A 87 -13.54 -12.18 -10.72
N ASP A 88 -14.57 -11.45 -11.11
CA ASP A 88 -14.37 -10.24 -11.91
C ASP A 88 -13.66 -9.18 -11.07
N ILE A 89 -13.96 -9.20 -9.77
CA ILE A 89 -13.25 -8.37 -8.82
C ILE A 89 -12.78 -9.21 -7.65
N VAL A 90 -11.76 -8.71 -6.96
CA VAL A 90 -11.27 -9.34 -5.75
C VAL A 90 -11.14 -8.24 -4.72
N VAL A 91 -11.62 -8.50 -3.50
CA VAL A 91 -11.57 -7.47 -2.45
C VAL A 91 -10.58 -7.89 -1.37
N HIS A 92 -9.69 -6.97 -0.98
CA HIS A 92 -8.71 -7.27 0.05
C HIS A 92 -8.83 -6.26 1.18
N ILE A 93 -9.23 -6.76 2.36
CA ILE A 93 -9.42 -5.92 3.54
C ILE A 93 -8.40 -6.28 4.63
N GLN A 94 -7.69 -5.30 5.16
CA GLN A 94 -6.66 -5.58 6.16
C GLN A 94 -6.54 -4.51 7.23
N HIS A 95 -6.13 -4.91 8.43
CA HIS A 95 -5.79 -3.96 9.47
C HIS A 95 -4.63 -3.13 8.92
N GLN A 96 -4.75 -1.80 9.03
CA GLN A 96 -3.76 -0.89 8.45
C GLN A 96 -2.37 -1.10 9.04
N ASP A 97 -2.31 -1.56 10.29
CA ASP A 97 -1.01 -1.79 10.94
C ASP A 97 -0.26 -2.97 10.34
N ASP A 98 -0.97 -3.86 9.67
CA ASP A 98 -0.38 -5.07 9.10
C ASP A 98 -0.02 -4.90 7.63
N ARG A 99 -0.54 -3.86 7.00
CA ARG A 99 -0.32 -3.65 5.57
C ARG A 99 1.11 -3.30 5.19
N ASN A 100 1.52 -3.80 4.03
CA ASN A 100 2.78 -3.43 3.41
C ASN A 100 2.47 -2.54 2.20
N PHE A 101 2.52 -1.23 2.39
CA PHE A 101 2.06 -0.31 1.36
C PHE A 101 3.01 -0.22 0.16
N ALA A 102 4.31 -0.41 0.40
CA ALA A 102 5.29 -0.45 -0.70
C ALA A 102 5.06 -1.66 -1.57
N ALA A 103 4.69 -2.77 -0.95
CA ALA A 103 4.42 -4.01 -1.68
C ALA A 103 3.17 -3.85 -2.54
N LEU A 104 2.16 -3.15 -2.01
CA LEU A 104 0.95 -2.86 -2.76
C LEU A 104 1.30 -2.08 -4.02
N ASP A 105 2.02 -0.98 -3.84
CA ASP A 105 2.41 -0.10 -4.94
C ASP A 105 3.36 -0.80 -5.91
N ARG A 106 4.23 -1.67 -5.39
CA ARG A 106 5.09 -2.48 -6.23
C ARG A 106 4.23 -3.31 -7.20
N LEU A 107 3.23 -3.99 -6.67
CA LEU A 107 2.37 -4.87 -7.44
C LEU A 107 1.43 -4.14 -8.42
N TRP A 108 0.85 -3.03 -7.98
CA TRP A 108 -0.21 -2.39 -8.77
C TRP A 108 0.02 -0.92 -9.09
N GLY A 109 1.29 -0.49 -9.05
CA GLY A 109 1.62 0.91 -9.29
C GLY A 109 1.43 1.38 -10.71
N ASP A 110 1.43 0.44 -11.66
CA ASP A 110 1.24 0.78 -13.06
C ASP A 110 -0.21 0.61 -13.50
N CYS A 111 -1.09 0.33 -12.55
CA CYS A 111 -2.49 0.10 -12.86
C CYS A 111 -3.30 1.34 -12.53
N PRO A 112 -4.18 1.74 -13.47
CA PRO A 112 -4.99 2.94 -13.27
C PRO A 112 -5.91 2.78 -12.07
N VAL A 113 -6.18 3.86 -11.35
CA VAL A 113 -7.20 3.85 -10.31
C VAL A 113 -8.52 4.11 -11.01
N VAL A 114 -9.55 3.36 -10.65
CA VAL A 114 -10.87 3.57 -11.23
C VAL A 114 -11.62 4.56 -10.34
N PRO A 115 -11.80 5.80 -10.83
CA PRO A 115 -12.52 6.79 -10.03
C PRO A 115 -13.98 6.41 -9.93
N VAL A 116 -14.35 5.80 -8.82
CA VAL A 116 -15.69 5.25 -8.67
C VAL A 116 -16.57 6.07 -7.72
N ASP A 117 -15.91 6.84 -6.85
CA ASP A 117 -16.61 7.75 -5.93
C ASP A 117 -17.56 7.02 -4.99
N THR B 2 -3.51 -31.32 10.90
CA THR B 2 -2.76 -31.22 9.65
C THR B 2 -3.70 -31.20 8.44
N ALA B 3 -3.12 -31.14 7.24
CA ALA B 3 -3.90 -30.93 6.01
C ALA B 3 -4.91 -32.03 5.70
N ASN B 4 -6.06 -31.59 5.18
CA ASN B 4 -7.19 -32.44 4.79
C ASN B 4 -6.82 -33.66 3.95
N ARG B 5 -7.56 -34.74 4.14
CA ARG B 5 -7.45 -35.91 3.26
C ARG B 5 -7.92 -35.54 1.86
N GLU B 6 -9.04 -34.80 1.78
CA GLU B 6 -9.56 -34.36 0.49
C GLU B 6 -8.61 -33.41 -0.22
N ALA B 7 -7.75 -32.73 0.55
CA ALA B 7 -6.79 -31.79 -0.03
C ALA B 7 -5.50 -32.48 -0.45
N ILE B 8 -5.02 -33.42 0.36
CA ILE B 8 -3.81 -34.16 0.02
C ILE B 8 -4.04 -34.99 -1.25
N ASP B 9 -5.21 -35.59 -1.36
CA ASP B 9 -5.54 -36.39 -2.53
C ASP B 9 -5.76 -35.50 -3.77
N MET B 10 -6.06 -34.22 -3.54
CA MET B 10 -6.12 -33.24 -4.63
C MET B 10 -4.71 -32.78 -5.01
N ALA B 11 -3.87 -32.56 -4.02
CA ALA B 11 -2.49 -32.11 -4.26
C ALA B 11 -1.70 -33.23 -4.94
N ARG B 12 -1.98 -34.46 -4.54
CA ARG B 12 -1.41 -35.65 -5.17
C ARG B 12 -1.69 -35.66 -6.68
N VAL B 13 -2.96 -35.49 -7.03
CA VAL B 13 -3.40 -35.48 -8.42
C VAL B 13 -2.81 -34.32 -9.20
N ALA B 14 -2.93 -33.11 -8.66
CA ALA B 14 -2.42 -31.90 -9.33
C ALA B 14 -0.91 -31.94 -9.52
N ALA B 15 -0.18 -32.44 -8.52
CA ALA B 15 1.28 -32.51 -8.61
C ALA B 15 1.73 -33.63 -9.55
N GLY B 16 0.97 -34.74 -9.58
CA GLY B 16 1.26 -35.84 -10.46
C GLY B 16 1.00 -35.47 -11.91
N ALA B 17 -0.07 -34.71 -12.13
CA ALA B 17 -0.38 -34.19 -13.45
C ALA B 17 0.75 -33.29 -13.95
N ALA B 18 1.20 -32.39 -13.08
CA ALA B 18 2.32 -31.51 -13.42
C ALA B 18 3.59 -32.33 -13.65
N ALA B 19 3.70 -33.46 -12.97
CA ALA B 19 4.81 -34.36 -13.19
C ALA B 19 4.72 -35.06 -14.55
N ALA B 20 3.50 -35.45 -14.92
CA ALA B 20 3.27 -36.13 -16.19
C ALA B 20 3.61 -35.25 -17.39
N LYS B 21 3.44 -33.94 -17.24
CA LYS B 21 3.75 -33.03 -18.34
C LYS B 21 5.07 -32.29 -18.14
N LEU B 22 5.97 -32.92 -17.41
CA LEU B 22 7.38 -32.51 -17.38
C LEU B 22 7.66 -31.14 -16.75
N ALA B 23 7.01 -30.88 -15.62
CA ALA B 23 7.29 -29.66 -14.87
C ALA B 23 8.53 -29.83 -14.03
N ASP B 24 9.12 -28.71 -13.60
CA ASP B 24 10.33 -28.72 -12.81
C ASP B 24 10.07 -28.17 -11.40
N ASP B 25 10.85 -28.64 -10.43
CA ASP B 25 10.73 -28.16 -9.05
C ASP B 25 9.31 -28.20 -8.51
N VAL B 26 8.65 -29.34 -8.65
CA VAL B 26 7.29 -29.50 -8.15
C VAL B 26 7.28 -29.70 -6.63
N VAL B 27 6.53 -28.85 -5.93
CA VAL B 27 6.49 -28.83 -4.48
C VAL B 27 5.05 -28.84 -4.00
N VAL B 28 4.75 -29.68 -3.00
CA VAL B 28 3.47 -29.63 -2.32
C VAL B 28 3.66 -29.03 -0.93
N ILE B 29 3.01 -27.89 -0.68
CA ILE B 29 3.16 -27.19 0.60
C ILE B 29 1.86 -27.23 1.41
N ASP B 30 1.94 -27.78 2.61
CA ASP B 30 0.82 -27.82 3.54
C ASP B 30 0.68 -26.47 4.24
N VAL B 31 -0.35 -25.71 3.88
CA VAL B 31 -0.56 -24.41 4.51
C VAL B 31 -1.78 -24.40 5.42
N SER B 32 -2.29 -25.60 5.72
CA SER B 32 -3.48 -25.77 6.54
C SER B 32 -3.34 -25.15 7.93
N GLY B 33 -2.11 -25.11 8.43
CA GLY B 33 -1.86 -24.54 9.74
C GLY B 33 -1.97 -23.03 9.73
N GLN B 34 -1.78 -22.43 8.54
CA GLN B 34 -1.70 -20.99 8.38
C GLN B 34 -3.00 -20.35 7.91
N LEU B 35 -3.62 -20.95 6.89
CA LEU B 35 -4.79 -20.36 6.23
C LEU B 35 -6.11 -20.94 6.72
N VAL B 36 -7.18 -20.19 6.49
CA VAL B 36 -8.54 -20.60 6.90
C VAL B 36 -9.16 -21.61 5.94
N ILE B 37 -9.00 -21.38 4.64
CA ILE B 37 -9.67 -22.18 3.63
C ILE B 37 -8.77 -23.16 2.89
N THR B 38 -7.76 -22.63 2.21
CA THR B 38 -6.79 -23.45 1.47
C THR B 38 -5.98 -24.35 2.39
N ASP B 39 -5.84 -25.61 2.02
CA ASP B 39 -5.03 -26.53 2.82
C ASP B 39 -3.65 -26.82 2.22
N CYS B 40 -3.57 -26.90 0.90
CA CYS B 40 -2.29 -27.14 0.25
C CYS B 40 -2.03 -26.20 -0.91
N PHE B 41 -0.76 -25.89 -1.14
CA PHE B 41 -0.33 -25.25 -2.37
C PHE B 41 0.46 -26.27 -3.16
N VAL B 42 0.32 -26.22 -4.48
CA VAL B 42 1.21 -26.97 -5.36
C VAL B 42 1.89 -25.97 -6.26
N ILE B 43 3.20 -25.79 -6.07
CA ILE B 43 3.95 -24.92 -6.96
C ILE B 43 4.73 -25.77 -7.96
N ALA B 44 5.00 -25.17 -9.12
CA ALA B 44 5.76 -25.85 -10.15
C ALA B 44 6.34 -24.81 -11.09
N SER B 45 7.36 -25.20 -11.85
CA SER B 45 7.95 -24.31 -12.82
C SER B 45 7.80 -24.85 -14.23
N GLY B 46 7.70 -23.94 -15.19
CA GLY B 46 7.82 -24.29 -16.59
C GLY B 46 9.05 -23.58 -17.11
N SER B 47 9.73 -24.17 -18.07
CA SER B 47 10.93 -23.56 -18.63
C SER B 47 10.59 -22.30 -19.42
N ASN B 48 9.37 -22.27 -19.95
CA ASN B 48 8.88 -21.12 -20.72
C ASN B 48 7.36 -20.96 -20.63
N GLU B 49 6.84 -19.92 -21.27
CA GLU B 49 5.41 -19.61 -21.25
C GLU B 49 4.53 -20.72 -21.82
N ARG B 50 5.00 -21.36 -22.89
CA ARG B 50 4.25 -22.45 -23.51
C ARG B 50 4.23 -23.70 -22.64
N GLN B 51 5.32 -23.95 -21.94
CA GLN B 51 5.38 -25.10 -21.04
C GLN B 51 4.45 -24.87 -19.85
N VAL B 52 4.44 -23.64 -19.34
CA VAL B 52 3.51 -23.26 -18.29
C VAL B 52 2.08 -23.54 -18.77
N ASN B 53 1.82 -23.19 -20.02
CA ASN B 53 0.51 -23.40 -20.63
C ASN B 53 0.15 -24.89 -20.66
N ALA B 54 1.08 -25.71 -21.11
CA ALA B 54 0.86 -27.15 -21.19
C ALA B 54 0.70 -27.77 -19.81
N ILE B 55 1.51 -27.31 -18.85
CA ILE B 55 1.42 -27.82 -17.47
C ILE B 55 0.02 -27.58 -16.91
N VAL B 56 -0.47 -26.35 -17.04
CA VAL B 56 -1.83 -26.02 -16.65
C VAL B 56 -2.86 -26.95 -17.27
N ASP B 57 -2.70 -27.21 -18.58
CA ASP B 57 -3.60 -28.11 -19.30
C ASP B 57 -3.60 -29.49 -18.65
N GLU B 58 -2.42 -30.01 -18.36
CA GLU B 58 -2.28 -31.31 -17.74
C GLU B 58 -2.99 -31.35 -16.40
N VAL B 59 -2.71 -30.37 -15.56
CA VAL B 59 -3.30 -30.28 -14.23
C VAL B 59 -4.82 -30.25 -14.33
N GLU B 60 -5.35 -29.30 -15.11
CA GLU B 60 -6.79 -29.15 -15.25
C GLU B 60 -7.46 -30.39 -15.84
N GLU B 61 -6.74 -31.08 -16.72
CA GLU B 61 -7.29 -32.26 -17.40
C GLU B 61 -7.58 -33.38 -16.39
N LYS B 62 -6.58 -33.71 -15.57
CA LYS B 62 -6.71 -34.79 -14.57
C LYS B 62 -7.60 -34.41 -13.41
N MET B 63 -7.57 -33.14 -13.01
CA MET B 63 -8.45 -32.67 -11.94
C MET B 63 -9.91 -32.82 -12.37
N ARG B 64 -10.20 -32.57 -13.64
CA ARG B 64 -11.56 -32.79 -14.14
C ARG B 64 -11.87 -34.28 -14.16
N GLN B 65 -10.88 -35.07 -14.58
CA GLN B 65 -11.03 -36.52 -14.67
C GLN B 65 -11.33 -37.14 -13.31
N ALA B 66 -10.68 -36.64 -12.27
CA ALA B 66 -10.87 -37.16 -10.91
C ALA B 66 -12.16 -36.65 -10.28
N GLY B 67 -13.01 -36.02 -11.08
CA GLY B 67 -14.30 -35.54 -10.61
C GLY B 67 -14.22 -34.36 -9.66
N TYR B 68 -13.19 -33.54 -9.84
CA TYR B 68 -13.04 -32.34 -9.02
C TYR B 68 -13.67 -31.12 -9.66
N ARG B 69 -14.16 -30.23 -8.81
CA ARG B 69 -14.65 -28.92 -9.21
C ARG B 69 -13.69 -28.24 -10.18
N PRO B 70 -14.22 -27.45 -11.11
CA PRO B 70 -13.35 -26.71 -12.03
C PRO B 70 -12.57 -25.69 -11.22
N ALA B 71 -11.36 -25.38 -11.65
CA ALA B 71 -10.57 -24.35 -10.96
C ALA B 71 -11.07 -22.93 -11.25
N ARG B 72 -10.99 -22.07 -10.25
CA ARG B 72 -11.07 -20.63 -10.48
C ARG B 72 -9.66 -20.27 -10.93
N ARG B 73 -9.50 -19.98 -12.22
CA ARG B 73 -8.19 -19.67 -12.76
C ARG B 73 -7.86 -18.19 -12.70
N GLU B 74 -6.56 -17.91 -12.68
CA GLU B 74 -6.06 -16.56 -12.84
C GLU B 74 -4.73 -16.65 -13.54
N GLY B 75 -4.29 -15.59 -14.19
CA GLY B 75 -2.99 -15.62 -14.83
C GLY B 75 -2.46 -14.26 -15.25
N ALA B 76 -1.15 -14.20 -15.41
CA ALA B 76 -0.52 -13.03 -16.00
C ALA B 76 -0.79 -13.04 -17.50
N ARG B 77 -1.09 -11.88 -18.07
CA ARG B 77 -1.45 -11.80 -19.47
C ARG B 77 -0.29 -12.22 -20.40
N GLU B 78 0.94 -12.10 -19.91
CA GLU B 78 2.11 -12.51 -20.69
C GLU B 78 2.43 -13.98 -20.47
N GLY B 79 1.61 -14.65 -19.67
CA GLY B 79 1.74 -16.09 -19.46
C GLY B 79 2.92 -16.49 -18.60
N ARG B 80 3.44 -15.55 -17.82
CA ARG B 80 4.57 -15.82 -16.94
C ARG B 80 4.17 -16.74 -15.78
N TRP B 81 2.93 -16.59 -15.33
CA TRP B 81 2.40 -17.45 -14.29
C TRP B 81 0.91 -17.69 -14.48
N THR B 82 0.44 -18.83 -13.97
CA THR B 82 -0.98 -19.15 -13.96
C THR B 82 -1.32 -19.79 -12.62
N LEU B 83 -2.48 -19.43 -12.08
CA LEU B 83 -2.92 -19.99 -10.81
C LEU B 83 -4.27 -20.69 -10.98
N LEU B 84 -4.41 -21.86 -10.36
CA LEU B 84 -5.70 -22.56 -10.36
C LEU B 84 -6.18 -22.75 -8.94
N ASP B 85 -7.31 -22.13 -8.59
CA ASP B 85 -7.87 -22.24 -7.24
C ASP B 85 -8.94 -23.32 -7.19
N TYR B 86 -8.66 -24.38 -6.45
CA TYR B 86 -9.61 -25.46 -6.23
C TYR B 86 -10.22 -25.39 -4.82
N ARG B 87 -10.00 -24.25 -4.16
CA ARG B 87 -10.36 -24.01 -2.75
C ARG B 87 -9.49 -24.81 -1.78
N ASP B 88 -9.65 -26.13 -1.79
CA ASP B 88 -8.89 -26.96 -0.86
C ASP B 88 -7.40 -26.94 -1.19
N ILE B 89 -7.08 -26.80 -2.48
CA ILE B 89 -5.70 -26.50 -2.86
C ILE B 89 -5.65 -25.36 -3.86
N VAL B 90 -4.50 -24.70 -3.93
CA VAL B 90 -4.24 -23.70 -4.96
C VAL B 90 -3.00 -24.14 -5.73
N VAL B 91 -3.10 -24.15 -7.06
CA VAL B 91 -1.96 -24.58 -7.88
C VAL B 91 -1.32 -23.35 -8.50
N HIS B 92 0.00 -23.22 -8.34
CA HIS B 92 0.72 -22.06 -8.87
C HIS B 92 1.84 -22.49 -9.80
N ILE B 93 1.63 -22.30 -11.09
CA ILE B 93 2.61 -22.66 -12.10
C ILE B 93 3.31 -21.40 -12.59
N GLN B 94 4.64 -21.41 -12.60
CA GLN B 94 5.37 -20.18 -12.92
C GLN B 94 6.60 -20.41 -13.79
N HIS B 95 6.88 -19.47 -14.68
CA HIS B 95 8.13 -19.44 -15.41
C HIS B 95 9.31 -19.44 -14.43
N GLN B 96 10.21 -20.39 -14.57
CA GLN B 96 11.33 -20.59 -13.64
C GLN B 96 12.14 -19.31 -13.37
N ASP B 97 12.19 -18.41 -14.34
CA ASP B 97 12.92 -17.15 -14.21
C ASP B 97 12.29 -16.22 -13.19
N ASP B 98 11.00 -16.44 -12.92
CA ASP B 98 10.27 -15.56 -12.02
C ASP B 98 10.11 -16.18 -10.63
N ARG B 99 10.28 -17.50 -10.55
CA ARG B 99 10.19 -18.20 -9.28
C ARG B 99 11.16 -17.62 -8.26
N ASN B 100 10.60 -16.98 -7.23
CA ASN B 100 11.36 -16.41 -6.13
C ASN B 100 11.29 -17.35 -4.94
N PHE B 101 12.30 -18.18 -4.77
CA PHE B 101 12.29 -19.16 -3.69
C PHE B 101 12.57 -18.53 -2.33
N ALA B 102 13.27 -17.40 -2.32
CA ALA B 102 13.51 -16.65 -1.08
C ALA B 102 12.18 -16.19 -0.47
N ALA B 103 11.38 -15.48 -1.28
CA ALA B 103 10.08 -14.97 -0.83
C ALA B 103 9.17 -16.10 -0.37
N LEU B 104 9.27 -17.25 -1.05
CA LEU B 104 8.55 -18.44 -0.65
C LEU B 104 8.96 -18.85 0.76
N ASP B 105 10.27 -18.84 1.00
CA ASP B 105 10.83 -19.27 2.29
C ASP B 105 10.40 -18.40 3.47
N ARG B 106 10.51 -17.08 3.33
CA ARG B 106 10.14 -16.18 4.43
C ARG B 106 8.64 -16.23 4.74
N LEU B 107 7.91 -17.05 4.00
CA LEU B 107 6.46 -16.97 4.02
C LEU B 107 5.77 -18.34 4.20
N TRP B 108 6.20 -19.36 3.46
CA TRP B 108 5.81 -20.75 3.79
C TRP B 108 6.98 -21.62 4.25
N GLY B 109 7.94 -21.02 4.96
CA GLY B 109 9.13 -21.75 5.38
C GLY B 109 8.92 -22.67 6.56
N ASP B 110 7.99 -22.30 7.43
CA ASP B 110 7.72 -23.06 8.64
C ASP B 110 6.68 -24.15 8.37
N CYS B 111 6.00 -24.03 7.24
CA CYS B 111 5.04 -25.03 6.79
C CYS B 111 5.77 -26.25 6.27
N PRO B 112 5.20 -27.45 6.51
CA PRO B 112 5.81 -28.68 6.00
C PRO B 112 5.73 -28.70 4.48
N VAL B 113 6.76 -29.24 3.82
CA VAL B 113 6.89 -29.09 2.38
C VAL B 113 7.26 -30.41 1.71
N THR C 2 5.68 -2.80 17.43
CA THR C 2 6.91 -2.35 16.80
C THR C 2 6.78 -2.35 15.27
N ALA C 3 7.81 -1.86 14.59
CA ALA C 3 7.79 -1.72 13.13
C ALA C 3 7.66 -3.05 12.40
N ASN C 4 6.86 -3.08 11.34
CA ASN C 4 6.69 -4.30 10.55
C ASN C 4 8.03 -4.77 9.96
N ARG C 5 8.19 -6.09 9.87
CA ARG C 5 9.45 -6.67 9.39
C ARG C 5 9.87 -6.14 8.01
N GLU C 6 8.90 -5.99 7.12
CA GLU C 6 9.17 -5.50 5.76
C GLU C 6 9.70 -4.06 5.78
N ALA C 7 9.07 -3.20 6.58
CA ALA C 7 9.54 -1.82 6.70
C ALA C 7 10.98 -1.77 7.20
N ILE C 8 11.33 -2.64 8.14
CA ILE C 8 12.70 -2.69 8.66
C ILE C 8 13.69 -3.12 7.58
N ASP C 9 13.29 -4.08 6.75
CA ASP C 9 14.10 -4.50 5.60
C ASP C 9 14.33 -3.35 4.63
N MET C 10 13.30 -2.52 4.43
CA MET C 10 13.42 -1.36 3.56
C MET C 10 14.37 -0.33 4.17
N ALA C 11 14.24 -0.13 5.47
CA ALA C 11 15.07 0.84 6.18
C ALA C 11 16.53 0.42 6.15
N ARG C 12 16.76 -0.88 6.27
CA ARG C 12 18.11 -1.45 6.24
C ARG C 12 18.83 -1.13 4.91
N VAL C 13 18.10 -1.20 3.80
CA VAL C 13 18.66 -0.93 2.48
C VAL C 13 18.96 0.56 2.31
N ALA C 14 18.04 1.40 2.78
CA ALA C 14 18.23 2.86 2.71
C ALA C 14 19.36 3.35 3.59
N ALA C 15 19.39 2.85 4.82
CA ALA C 15 20.43 3.22 5.78
C ALA C 15 21.77 2.65 5.35
N GLY C 16 21.74 1.47 4.74
CA GLY C 16 22.95 0.85 4.21
C GLY C 16 23.52 1.69 3.08
N ALA C 17 22.62 2.21 2.24
CA ALA C 17 23.03 3.01 1.08
C ALA C 17 23.67 4.31 1.52
N ALA C 18 23.09 4.94 2.53
CA ALA C 18 23.62 6.16 3.09
C ALA C 18 25.00 5.89 3.69
N ALA C 19 25.10 4.83 4.48
CA ALA C 19 26.37 4.41 5.05
C ALA C 19 27.44 4.22 3.97
N ALA C 20 27.05 3.63 2.84
CA ALA C 20 27.98 3.36 1.74
C ALA C 20 28.67 4.60 1.19
N LYS C 21 28.07 5.77 1.40
CA LYS C 21 28.68 7.01 0.96
C LYS C 21 29.05 7.92 2.14
N LEU C 22 29.41 7.30 3.25
CA LEU C 22 29.97 7.98 4.42
C LEU C 22 29.05 9.02 5.03
N ALA C 23 27.75 8.74 5.01
CA ALA C 23 26.79 9.65 5.63
C ALA C 23 26.98 9.68 7.13
N ASP C 24 26.63 10.79 7.76
CA ASP C 24 26.62 10.90 9.21
C ASP C 24 25.18 10.87 9.72
N ASP C 25 25.00 10.70 11.02
CA ASP C 25 23.66 10.61 11.62
C ASP C 25 22.77 9.55 10.96
N VAL C 26 23.37 8.47 10.49
CA VAL C 26 22.57 7.39 9.90
C VAL C 26 21.86 6.64 11.03
N VAL C 27 20.60 6.98 11.28
CA VAL C 27 19.81 6.24 12.26
C VAL C 27 18.44 5.86 11.68
N VAL C 28 17.99 4.66 12.05
CA VAL C 28 16.67 4.18 11.66
C VAL C 28 15.76 4.26 12.90
N ILE C 29 14.75 5.11 12.82
CA ILE C 29 13.85 5.34 13.94
C ILE C 29 12.55 4.57 13.74
N ASP C 30 12.13 3.85 14.78
CA ASP C 30 10.87 3.12 14.75
C ASP C 30 9.75 4.07 15.15
N VAL C 31 8.94 4.50 14.18
CA VAL C 31 7.84 5.44 14.46
C VAL C 31 6.48 4.73 14.38
N SER C 32 6.49 3.42 14.51
CA SER C 32 5.27 2.63 14.37
C SER C 32 4.27 2.92 15.49
N GLY C 33 4.77 3.40 16.64
CA GLY C 33 3.91 3.70 17.76
C GLY C 33 3.42 5.14 17.74
N GLN C 34 3.79 5.89 16.71
CA GLN C 34 3.42 7.29 16.59
C GLN C 34 2.53 7.58 15.38
N LEU C 35 2.81 6.87 14.30
CA LEU C 35 2.15 7.15 13.03
C LEU C 35 1.29 5.97 12.57
N VAL C 36 0.31 6.24 11.72
CA VAL C 36 -0.61 5.20 11.26
C VAL C 36 -0.12 4.47 10.01
N ILE C 37 0.78 5.10 9.25
CA ILE C 37 1.28 4.50 8.00
C ILE C 37 2.78 4.19 8.01
N THR C 38 3.60 5.22 8.14
CA THR C 38 5.05 5.02 8.14
C THR C 38 5.48 4.27 9.38
N ASP C 39 6.37 3.29 9.21
CA ASP C 39 6.88 2.52 10.34
C ASP C 39 8.31 2.86 10.71
N CYS C 40 9.09 3.30 9.73
CA CYS C 40 10.50 3.62 9.95
C CYS C 40 10.84 4.96 9.36
N PHE C 41 11.53 5.79 10.14
CA PHE C 41 12.06 7.03 9.61
C PHE C 41 13.57 6.90 9.54
N VAL C 42 14.15 7.13 8.37
CA VAL C 42 15.60 7.06 8.23
C VAL C 42 16.14 8.47 8.00
N ILE C 43 17.02 8.90 8.90
CA ILE C 43 17.68 10.19 8.73
C ILE C 43 19.17 9.96 8.42
N ALA C 44 19.73 10.89 7.67
CA ALA C 44 21.15 10.83 7.30
C ALA C 44 21.58 12.23 6.93
N SER C 45 22.86 12.51 7.03
CA SER C 45 23.37 13.84 6.73
C SER C 45 24.66 13.78 5.93
N GLY C 46 24.93 14.83 5.16
CA GLY C 46 26.20 14.94 4.47
C GLY C 46 26.89 16.21 4.93
N SER C 47 28.21 16.27 4.72
CA SER C 47 29.00 17.41 5.15
C SER C 47 29.17 18.43 4.03
N ASN C 48 28.81 18.03 2.82
CA ASN C 48 28.69 18.99 1.72
C ASN C 48 27.47 18.63 0.85
N GLU C 49 27.06 19.56 0.00
CA GLU C 49 25.84 19.34 -0.78
C GLU C 49 26.03 18.21 -1.79
N ARG C 50 27.25 18.07 -2.31
CA ARG C 50 27.57 16.99 -3.24
C ARG C 50 27.32 15.63 -2.58
N GLN C 51 27.75 15.51 -1.32
CA GLN C 51 27.59 14.25 -0.62
C GLN C 51 26.12 13.98 -0.31
N VAL C 52 25.41 15.03 0.12
CA VAL C 52 23.97 14.92 0.35
C VAL C 52 23.30 14.31 -0.88
N ASN C 53 23.60 14.85 -2.05
CA ASN C 53 22.96 14.37 -3.28
C ASN C 53 23.46 13.00 -3.68
N ALA C 54 24.70 12.68 -3.32
CA ALA C 54 25.23 11.34 -3.54
C ALA C 54 24.53 10.34 -2.62
N ILE C 55 24.17 10.77 -1.42
CA ILE C 55 23.41 9.91 -0.51
C ILE C 55 21.99 9.69 -1.02
N VAL C 56 21.33 10.78 -1.44
CA VAL C 56 20.00 10.68 -2.02
C VAL C 56 19.98 9.69 -3.19
N ASP C 57 20.91 9.88 -4.12
CA ASP C 57 20.93 9.04 -5.32
C ASP C 57 21.21 7.57 -4.99
N GLU C 58 22.09 7.33 -4.04
CA GLU C 58 22.43 5.97 -3.64
C GLU C 58 21.24 5.27 -2.98
N VAL C 59 20.51 6.00 -2.14
CA VAL C 59 19.33 5.44 -1.50
C VAL C 59 18.34 5.01 -2.57
N GLU C 60 18.08 5.88 -3.55
CA GLU C 60 17.12 5.57 -4.60
C GLU C 60 17.53 4.36 -5.44
N GLU C 61 18.80 4.31 -5.80
CA GLU C 61 19.30 3.21 -6.63
C GLU C 61 19.23 1.88 -5.89
N LYS C 62 19.59 1.89 -4.61
CA LYS C 62 19.56 0.66 -3.82
C LYS C 62 18.13 0.23 -3.51
N MET C 63 17.23 1.20 -3.33
CA MET C 63 15.81 0.87 -3.18
C MET C 63 15.24 0.26 -4.46
N ARG C 64 15.69 0.75 -5.62
CA ARG C 64 15.23 0.20 -6.90
C ARG C 64 15.71 -1.23 -7.08
N GLN C 65 16.98 -1.50 -6.77
CA GLN C 65 17.51 -2.85 -6.84
C GLN C 65 16.76 -3.79 -5.92
N ALA C 66 16.30 -3.26 -4.78
CA ALA C 66 15.55 -4.05 -3.83
C ALA C 66 14.16 -4.34 -4.35
N GLY C 67 13.79 -3.67 -5.44
CA GLY C 67 12.53 -3.95 -6.12
C GLY C 67 11.44 -2.94 -5.87
N TYR C 68 11.75 -1.90 -5.12
CA TYR C 68 10.74 -0.91 -4.75
C TYR C 68 10.49 0.16 -5.82
N ARG C 69 9.29 0.71 -5.84
CA ARG C 69 8.93 1.75 -6.80
C ARG C 69 9.55 3.05 -6.32
N PRO C 70 9.92 3.96 -7.24
CA PRO C 70 10.54 5.23 -6.86
C PRO C 70 9.77 5.98 -5.78
N ALA C 71 10.49 6.64 -4.88
CA ALA C 71 9.86 7.41 -3.81
C ALA C 71 9.04 8.58 -4.33
N ARG C 72 8.01 8.97 -3.58
CA ARG C 72 7.46 10.32 -3.74
C ARG C 72 8.50 11.23 -3.10
N ARG C 73 8.95 12.22 -3.83
CA ARG C 73 10.07 13.03 -3.36
C ARG C 73 9.66 14.46 -3.07
N GLU C 74 10.47 15.13 -2.24
CA GLU C 74 10.27 16.54 -1.97
C GLU C 74 11.57 17.18 -1.53
N GLY C 75 11.72 18.46 -1.84
CA GLY C 75 12.87 19.22 -1.41
C GLY C 75 12.56 20.70 -1.51
N ALA C 76 13.29 21.50 -0.76
CA ALA C 76 13.17 22.95 -0.90
C ALA C 76 14.03 23.41 -2.06
N ARG C 77 13.48 24.25 -2.92
CA ARG C 77 14.23 24.74 -4.08
C ARG C 77 15.53 25.44 -3.67
N GLU C 78 15.50 26.16 -2.55
CA GLU C 78 16.68 26.87 -2.06
C GLU C 78 17.38 26.09 -0.96
N GLY C 79 16.81 24.94 -0.59
CA GLY C 79 17.30 24.20 0.56
C GLY C 79 18.31 23.14 0.19
N ARG C 80 18.87 22.48 1.20
CA ARG C 80 19.85 21.43 0.95
C ARG C 80 19.39 20.11 1.57
N TRP C 81 18.09 19.84 1.44
CA TRP C 81 17.51 18.60 1.95
C TRP C 81 16.70 17.89 0.88
N THR C 82 16.41 16.61 1.11
CA THR C 82 15.53 15.85 0.24
C THR C 82 14.76 14.83 1.08
N LEU C 83 13.48 14.70 0.81
CA LEU C 83 12.67 13.69 1.49
C LEU C 83 12.27 12.63 0.48
N LEU C 84 12.48 11.37 0.84
CA LEU C 84 12.08 10.26 -0.01
C LEU C 84 10.99 9.48 0.69
N ASP C 85 9.76 9.59 0.21
CA ASP C 85 8.65 8.88 0.82
C ASP C 85 8.46 7.52 0.14
N TYR C 86 8.68 6.44 0.89
CA TYR C 86 8.40 5.08 0.40
C TYR C 86 7.17 4.50 1.11
N ARG C 87 6.43 5.38 1.79
CA ARG C 87 5.25 5.01 2.60
C ARG C 87 5.59 4.22 3.86
N ASP C 88 5.96 2.96 3.71
CA ASP C 88 6.33 2.15 4.87
C ASP C 88 7.56 2.73 5.59
N ILE C 89 8.44 3.36 4.82
CA ILE C 89 9.53 4.13 5.40
C ILE C 89 9.61 5.50 4.72
N VAL C 90 10.17 6.47 5.43
CA VAL C 90 10.45 7.78 4.85
C VAL C 90 11.91 8.07 5.13
N VAL C 91 12.61 8.61 4.13
CA VAL C 91 14.02 8.93 4.28
C VAL C 91 14.23 10.43 4.17
N HIS C 92 14.89 11.01 5.16
CA HIS C 92 15.16 12.44 5.13
C HIS C 92 16.66 12.65 5.11
N ILE C 93 17.15 13.29 4.05
CA ILE C 93 18.57 13.58 3.89
C ILE C 93 18.82 15.08 3.90
N GLN C 94 19.78 15.55 4.69
CA GLN C 94 20.04 16.98 4.77
C GLN C 94 21.50 17.32 5.03
N HIS C 95 21.94 18.44 4.47
CA HIS C 95 23.25 18.98 4.81
C HIS C 95 23.29 19.20 6.32
N GLN C 96 24.38 18.78 6.96
CA GLN C 96 24.46 18.79 8.42
C GLN C 96 24.34 20.19 9.00
N ASP C 97 24.81 21.20 8.27
CA ASP C 97 24.78 22.58 8.77
C ASP C 97 23.38 23.16 8.82
N ASP C 98 22.46 22.56 8.07
CA ASP C 98 21.09 23.07 8.03
C ASP C 98 20.17 22.36 9.02
N ARG C 99 20.63 21.22 9.54
CA ARG C 99 19.80 20.44 10.45
C ARG C 99 19.54 21.16 11.77
N ASN C 100 18.31 21.01 12.26
CA ASN C 100 17.96 21.41 13.61
C ASN C 100 17.83 20.14 14.46
N PHE C 101 18.89 19.81 15.18
CA PHE C 101 18.97 18.52 15.87
C PHE C 101 18.06 18.40 17.09
N ALA C 102 17.83 19.50 17.80
CA ALA C 102 16.95 19.46 18.98
C ALA C 102 15.48 19.27 18.58
N ALA C 103 15.12 19.85 17.44
CA ALA C 103 13.77 19.70 16.91
C ALA C 103 13.57 18.26 16.49
N LEU C 104 14.62 17.65 15.96
CA LEU C 104 14.61 16.25 15.59
C LEU C 104 14.40 15.37 16.83
N ASP C 105 15.13 15.67 17.89
CA ASP C 105 15.00 14.94 19.15
C ASP C 105 13.65 15.20 19.80
N ARG C 106 13.11 16.39 19.56
CA ARG C 106 11.77 16.72 20.06
C ARG C 106 10.71 15.84 19.41
N LEU C 107 10.79 15.70 18.10
CA LEU C 107 9.81 14.95 17.32
C LEU C 107 9.87 13.45 17.59
N TRP C 108 11.07 12.87 17.50
CA TRP C 108 11.22 11.41 17.53
C TRP C 108 12.11 10.89 18.65
N GLY C 109 12.34 11.70 19.68
CA GLY C 109 13.28 11.35 20.74
C GLY C 109 12.88 10.20 21.65
N ASP C 110 11.58 9.95 21.78
CA ASP C 110 11.11 8.83 22.58
C ASP C 110 10.72 7.62 21.74
N CYS C 111 11.16 7.60 20.48
CA CYS C 111 10.97 6.43 19.64
C CYS C 111 12.18 5.54 19.74
N PRO C 112 11.97 4.21 19.69
CA PRO C 112 13.10 3.29 19.71
C PRO C 112 13.94 3.43 18.44
N VAL C 113 15.22 3.12 18.51
CA VAL C 113 16.06 3.09 17.32
C VAL C 113 16.14 1.63 16.88
N VAL C 114 16.18 1.39 15.58
CA VAL C 114 16.28 0.03 15.08
C VAL C 114 17.75 -0.30 14.80
N PRO C 115 18.30 -1.29 15.51
CA PRO C 115 19.73 -1.63 15.43
C PRO C 115 20.09 -2.39 14.15
N VAL C 116 20.09 -1.68 13.02
CA VAL C 116 20.38 -2.31 11.74
C VAL C 116 21.87 -2.64 11.58
N ASP C 117 22.16 -3.76 10.92
CA ASP C 117 23.53 -4.15 10.64
C ASP C 117 23.93 -3.67 9.25
N LEU C 118 24.94 -2.79 9.19
CA LEU C 118 25.35 -2.22 7.92
C LEU C 118 26.80 -2.58 7.58
N THR D 2 4.10 31.22 -8.71
CA THR D 2 2.76 30.90 -8.21
C THR D 2 2.30 29.54 -8.70
N ALA D 3 1.47 28.87 -7.90
CA ALA D 3 0.99 27.52 -8.22
C ALA D 3 0.13 27.46 -9.49
N ASN D 4 0.06 26.29 -10.11
CA ASN D 4 -0.69 26.14 -11.36
C ASN D 4 -2.19 25.87 -11.18
N ARG D 5 -2.93 25.86 -12.29
CA ARG D 5 -4.38 25.67 -12.28
C ARG D 5 -4.81 24.42 -11.53
N GLU D 6 -4.16 23.31 -11.85
CA GLU D 6 -4.47 22.02 -11.28
C GLU D 6 -4.47 22.05 -9.75
N ALA D 7 -3.35 22.48 -9.18
CA ALA D 7 -3.19 22.50 -7.74
C ALA D 7 -4.17 23.45 -7.03
N ILE D 8 -4.46 24.59 -7.65
CA ILE D 8 -5.37 25.56 -7.04
C ILE D 8 -6.81 25.04 -6.99
N ASP D 9 -7.23 24.38 -8.07
CA ASP D 9 -8.55 23.73 -8.10
C ASP D 9 -8.63 22.64 -7.04
N MET D 10 -7.58 21.84 -6.92
CA MET D 10 -7.48 20.80 -5.89
C MET D 10 -7.57 21.38 -4.48
N ALA D 11 -6.89 22.51 -4.28
CA ALA D 11 -6.84 23.15 -2.98
C ALA D 11 -8.20 23.72 -2.61
N ARG D 12 -8.91 24.21 -3.61
CA ARG D 12 -10.24 24.77 -3.39
C ARG D 12 -11.26 23.69 -2.98
N VAL D 13 -11.21 22.54 -3.65
CA VAL D 13 -12.04 21.41 -3.24
C VAL D 13 -11.74 21.05 -1.79
N ALA D 14 -10.46 20.85 -1.49
CA ALA D 14 -10.04 20.48 -0.14
C ALA D 14 -10.41 21.53 0.92
N ALA D 15 -10.17 22.80 0.60
CA ALA D 15 -10.43 23.87 1.56
C ALA D 15 -11.92 24.02 1.87
N GLY D 16 -12.74 23.94 0.83
CA GLY D 16 -14.18 24.05 1.01
C GLY D 16 -14.75 22.93 1.89
N ALA D 17 -14.32 21.72 1.59
CA ALA D 17 -14.74 20.55 2.36
C ALA D 17 -14.39 20.73 3.84
N ALA D 18 -13.19 21.25 4.08
CA ALA D 18 -12.74 21.55 5.43
C ALA D 18 -13.70 22.50 6.15
N ALA D 19 -14.05 23.60 5.48
CA ALA D 19 -14.98 24.58 6.05
C ALA D 19 -16.41 24.03 6.14
N ALA D 20 -16.79 23.21 5.16
CA ALA D 20 -18.12 22.60 5.15
C ALA D 20 -18.39 21.76 6.38
N LYS D 21 -17.31 21.31 7.04
CA LYS D 21 -17.42 20.57 8.29
C LYS D 21 -16.91 21.41 9.46
N LEU D 22 -16.90 22.72 9.25
CA LEU D 22 -16.68 23.72 10.31
C LEU D 22 -15.26 23.74 10.89
N ALA D 23 -14.27 23.47 10.05
CA ALA D 23 -12.88 23.57 10.49
C ALA D 23 -12.55 25.04 10.75
N ASP D 24 -11.60 25.28 11.66
CA ASP D 24 -11.21 26.64 11.99
C ASP D 24 -9.92 26.98 11.27
N ASP D 25 -9.72 28.28 11.01
CA ASP D 25 -8.51 28.77 10.36
C ASP D 25 -8.11 27.99 9.11
N VAL D 26 -9.06 27.79 8.20
CA VAL D 26 -8.81 27.15 6.92
C VAL D 26 -8.06 28.13 6.01
N VAL D 27 -6.90 27.72 5.51
CA VAL D 27 -6.10 28.58 4.66
C VAL D 27 -5.30 27.79 3.61
N VAL D 28 -5.28 28.30 2.38
CA VAL D 28 -4.48 27.70 1.33
C VAL D 28 -3.21 28.52 1.13
N ILE D 29 -2.07 27.85 1.21
CA ILE D 29 -0.78 28.50 1.02
C ILE D 29 -0.16 28.06 -0.29
N ASP D 30 0.28 29.01 -1.11
CA ASP D 30 1.03 28.68 -2.33
C ASP D 30 2.49 28.49 -1.95
N VAL D 31 2.96 27.26 -1.98
CA VAL D 31 4.35 26.96 -1.63
C VAL D 31 5.18 26.63 -2.86
N SER D 32 4.63 26.90 -4.05
CA SER D 32 5.27 26.54 -5.32
C SER D 32 6.61 27.23 -5.53
N GLY D 33 6.79 28.39 -4.91
CA GLY D 33 8.04 29.11 -5.02
C GLY D 33 9.13 28.50 -4.17
N GLN D 34 8.70 27.70 -3.19
CA GLN D 34 9.60 27.19 -2.17
C GLN D 34 10.00 25.74 -2.38
N LEU D 35 9.03 24.93 -2.79
CA LEU D 35 9.20 23.49 -2.85
C LEU D 35 9.25 22.96 -4.28
N VAL D 36 9.91 21.82 -4.46
CA VAL D 36 10.14 21.23 -5.78
C VAL D 36 8.89 20.61 -6.39
N ILE D 37 8.14 19.88 -5.59
CA ILE D 37 7.01 19.09 -6.08
C ILE D 37 5.64 19.65 -5.68
N THR D 38 5.44 19.82 -4.38
CA THR D 38 4.17 20.34 -3.86
C THR D 38 3.94 21.79 -4.28
N ASP D 39 2.73 22.10 -4.74
CA ASP D 39 2.40 23.47 -5.15
C ASP D 39 1.56 24.24 -4.13
N CYS D 40 0.68 23.54 -3.42
CA CYS D 40 -0.16 24.20 -2.40
C CYS D 40 -0.22 23.40 -1.10
N PHE D 41 -0.37 24.10 0.01
CA PHE D 41 -0.73 23.48 1.29
C PHE D 41 -2.14 23.92 1.64
N VAL D 42 -2.97 22.98 2.08
CA VAL D 42 -4.27 23.33 2.64
C VAL D 42 -4.22 23.03 4.14
N ILE D 43 -4.33 24.08 4.93
CA ILE D 43 -4.22 23.98 6.37
C ILE D 43 -5.60 24.16 7.01
N ALA D 44 -5.90 23.38 8.05
CA ALA D 44 -7.19 23.49 8.75
C ALA D 44 -7.09 22.93 10.17
N SER D 45 -7.79 23.55 11.11
CA SER D 45 -7.75 23.12 12.50
C SER D 45 -9.05 22.43 12.92
N GLY D 46 -8.92 21.50 13.87
CA GLY D 46 -10.06 20.88 14.49
C GLY D 46 -10.06 21.22 15.97
N SER D 47 -11.24 21.31 16.56
CA SER D 47 -11.35 21.61 17.98
C SER D 47 -10.89 20.43 18.82
N ASN D 48 -11.16 19.23 18.34
CA ASN D 48 -10.75 18.01 19.02
C ASN D 48 -10.42 16.89 18.03
N GLU D 49 -10.06 15.72 18.53
CA GLU D 49 -9.63 14.61 17.67
C GLU D 49 -10.73 14.17 16.70
N ARG D 50 -11.96 14.14 17.19
CA ARG D 50 -13.06 13.58 16.41
C ARG D 50 -13.47 14.48 15.24
N GLN D 51 -13.28 15.79 15.39
CA GLN D 51 -13.58 16.71 14.28
C GLN D 51 -12.49 16.66 13.22
N VAL D 52 -11.23 16.59 13.67
CA VAL D 52 -10.10 16.37 12.77
C VAL D 52 -10.44 15.19 11.87
N ASN D 53 -10.91 14.11 12.50
CA ASN D 53 -11.31 12.91 11.79
C ASN D 53 -12.47 13.18 10.82
N ALA D 54 -13.38 14.06 11.23
CA ALA D 54 -14.54 14.38 10.40
C ALA D 54 -14.16 15.25 9.20
N ILE D 55 -13.26 16.21 9.44
CA ILE D 55 -12.77 17.05 8.36
C ILE D 55 -12.05 16.22 7.31
N VAL D 56 -11.13 15.36 7.76
CA VAL D 56 -10.39 14.46 6.88
C VAL D 56 -11.29 13.63 6.02
N ASP D 57 -12.27 12.97 6.65
CA ASP D 57 -13.27 12.19 5.93
C ASP D 57 -13.93 13.02 4.85
N GLU D 58 -14.28 14.26 5.19
CA GLU D 58 -14.94 15.14 4.24
C GLU D 58 -14.04 15.52 3.06
N VAL D 59 -12.80 15.89 3.34
CA VAL D 59 -11.87 16.23 2.27
C VAL D 59 -11.59 15.04 1.35
N GLU D 60 -11.29 13.89 1.93
CA GLU D 60 -11.03 12.68 1.17
C GLU D 60 -12.19 12.37 0.23
N GLU D 61 -13.40 12.51 0.74
CA GLU D 61 -14.61 12.22 -0.03
C GLU D 61 -14.80 13.19 -1.19
N LYS D 62 -14.60 14.48 -0.92
CA LYS D 62 -14.81 15.52 -1.94
C LYS D 62 -13.72 15.53 -3.03
N MET D 63 -12.49 15.17 -2.66
CA MET D 63 -11.39 15.07 -3.61
C MET D 63 -11.61 13.87 -4.52
N ARG D 64 -12.15 12.79 -3.95
CA ARG D 64 -12.47 11.58 -4.70
C ARG D 64 -13.61 11.79 -5.70
N GLN D 65 -14.49 12.75 -5.40
CA GLN D 65 -15.62 13.06 -6.26
C GLN D 65 -15.22 14.00 -7.39
N ALA D 66 -14.13 14.73 -7.21
CA ALA D 66 -13.60 15.60 -8.25
C ALA D 66 -12.73 14.81 -9.23
N GLY D 67 -12.58 13.52 -8.98
CA GLY D 67 -11.82 12.64 -9.84
C GLY D 67 -10.32 12.69 -9.60
N TYR D 68 -9.91 13.26 -8.47
CA TYR D 68 -8.49 13.38 -8.16
C TYR D 68 -7.90 12.06 -7.60
N ARG D 69 -6.59 11.90 -7.78
CA ARG D 69 -5.88 10.72 -7.32
C ARG D 69 -6.09 10.46 -5.83
N PRO D 70 -5.98 9.18 -5.41
CA PRO D 70 -6.06 8.85 -3.98
C PRO D 70 -4.93 9.52 -3.22
N ALA D 71 -5.16 9.87 -1.96
CA ALA D 71 -4.12 10.54 -1.17
C ALA D 71 -3.17 9.55 -0.51
N ARG D 72 -1.91 9.95 -0.37
CA ARG D 72 -1.00 9.26 0.55
C ARG D 72 -1.26 9.88 1.91
N ARG D 73 -1.94 9.13 2.77
CA ARG D 73 -2.30 9.62 4.09
C ARG D 73 -1.23 9.34 5.14
N GLU D 74 -1.28 10.15 6.19
CA GLU D 74 -0.44 9.93 7.35
C GLU D 74 -1.15 10.60 8.51
N GLY D 75 -0.84 10.17 9.73
CA GLY D 75 -1.45 10.81 10.88
C GLY D 75 -0.87 10.33 12.20
N ALA D 76 -1.12 11.10 13.25
CA ALA D 76 -0.76 10.66 14.59
C ALA D 76 -1.75 9.57 14.97
N ARG D 77 -1.27 8.54 15.66
CA ARG D 77 -2.14 7.45 16.06
C ARG D 77 -3.22 7.91 17.03
N GLU D 78 -2.89 8.88 17.87
CA GLU D 78 -3.88 9.39 18.82
C GLU D 78 -4.78 10.45 18.20
N GLY D 79 -4.58 10.68 16.90
CA GLY D 79 -5.54 11.44 16.10
C GLY D 79 -5.48 12.95 16.18
N ARG D 80 -4.38 13.51 16.68
CA ARG D 80 -4.29 14.96 16.79
C ARG D 80 -3.91 15.66 15.49
N TRP D 81 -3.46 14.90 14.49
CA TRP D 81 -3.26 15.46 13.15
C TRP D 81 -3.33 14.39 12.08
N THR D 82 -3.85 14.76 10.92
CA THR D 82 -3.88 13.89 9.76
C THR D 82 -3.40 14.66 8.53
N LEU D 83 -2.59 14.00 7.72
CA LEU D 83 -1.97 14.61 6.55
C LEU D 83 -2.43 13.88 5.29
N LEU D 84 -2.80 14.61 4.25
CA LEU D 84 -3.17 13.98 2.99
C LEU D 84 -2.31 14.53 1.84
N ASP D 85 -1.49 13.66 1.27
CA ASP D 85 -0.59 14.03 0.17
C ASP D 85 -1.19 13.66 -1.19
N TYR D 86 -1.63 14.67 -1.92
CA TYR D 86 -2.15 14.48 -3.28
C TYR D 86 -1.09 14.89 -4.30
N ARG D 87 0.15 15.01 -3.83
CA ARG D 87 1.31 15.44 -4.63
C ARG D 87 1.31 16.93 -5.02
N ASP D 88 0.37 17.35 -5.86
CA ASP D 88 0.29 18.77 -6.22
C ASP D 88 -0.08 19.62 -5.01
N ILE D 89 -0.89 19.05 -4.14
CA ILE D 89 -1.20 19.70 -2.87
C ILE D 89 -1.00 18.73 -1.71
N VAL D 90 -0.76 19.27 -0.52
CA VAL D 90 -0.73 18.49 0.70
C VAL D 90 -1.75 19.10 1.66
N VAL D 91 -2.59 18.26 2.26
CA VAL D 91 -3.61 18.74 3.18
C VAL D 91 -3.26 18.37 4.62
N HIS D 92 -3.21 19.35 5.50
CA HIS D 92 -2.81 19.12 6.90
C HIS D 92 -3.91 19.57 7.86
N ILE D 93 -4.51 18.60 8.56
CA ILE D 93 -5.56 18.89 9.53
C ILE D 93 -5.05 18.60 10.93
N GLN D 94 -5.21 19.55 11.86
CA GLN D 94 -4.60 19.45 13.18
C GLN D 94 -5.52 19.90 14.32
N HIS D 95 -5.26 19.38 15.52
CA HIS D 95 -5.93 19.84 16.73
C HIS D 95 -5.54 21.29 16.98
N GLN D 96 -6.51 22.12 17.37
CA GLN D 96 -6.28 23.56 17.51
C GLN D 96 -5.22 23.93 18.54
N ASP D 97 -5.11 23.12 19.60
CA ASP D 97 -4.14 23.39 20.65
C ASP D 97 -2.72 23.11 20.17
N ASP D 98 -2.59 22.37 19.08
CA ASP D 98 -1.28 22.03 18.53
C ASP D 98 -0.94 22.87 17.31
N ARG D 99 -1.95 23.52 16.71
CA ARG D 99 -1.71 24.37 15.55
C ARG D 99 -0.74 25.51 15.90
N ASN D 100 0.51 25.34 15.47
CA ASN D 100 1.60 26.27 15.81
C ASN D 100 1.77 27.33 14.75
N PHE D 101 0.97 28.39 14.82
CA PHE D 101 0.91 29.41 13.77
C PHE D 101 2.21 30.20 13.56
N ALA D 102 2.96 30.43 14.64
CA ALA D 102 4.21 31.17 14.54
C ALA D 102 5.29 30.35 13.83
N ALA D 103 5.20 29.03 13.96
CA ALA D 103 6.10 28.13 13.26
C ALA D 103 5.72 28.08 11.78
N LEU D 104 4.43 28.30 11.50
CA LEU D 104 3.95 28.42 10.13
C LEU D 104 4.51 29.70 9.50
N ASP D 105 4.40 30.81 10.23
CA ASP D 105 4.90 32.11 9.79
C ASP D 105 6.39 32.03 9.44
N ARG D 106 7.12 31.19 10.17
CA ARG D 106 8.53 31.00 9.90
C ARG D 106 8.76 30.27 8.58
N LEU D 107 8.01 29.18 8.38
CA LEU D 107 8.17 28.35 7.20
C LEU D 107 7.56 28.95 5.93
N TRP D 108 6.34 29.49 6.03
CA TRP D 108 5.61 29.90 4.83
C TRP D 108 5.01 31.31 4.85
N GLY D 109 5.51 32.18 5.72
CA GLY D 109 5.02 33.55 5.79
C GLY D 109 5.16 34.34 4.50
N ASP D 110 6.27 34.14 3.80
CA ASP D 110 6.54 34.83 2.54
C ASP D 110 5.82 34.21 1.34
N CYS D 111 5.14 33.10 1.57
CA CYS D 111 4.36 32.44 0.53
C CYS D 111 3.02 33.14 0.41
N PRO D 112 2.47 33.20 -0.81
CA PRO D 112 1.15 33.81 -1.01
C PRO D 112 0.05 32.98 -0.34
N VAL D 113 -1.07 33.63 0.00
CA VAL D 113 -2.24 32.91 0.46
C VAL D 113 -3.29 32.89 -0.66
N VAL D 114 -3.58 31.71 -1.19
CA VAL D 114 -4.57 31.59 -2.26
C VAL D 114 -5.95 31.91 -1.71
N PRO D 115 -6.64 32.87 -2.35
CA PRO D 115 -8.01 33.23 -1.98
C PRO D 115 -8.96 32.06 -2.27
N VAL D 116 -9.93 31.84 -1.40
CA VAL D 116 -10.92 30.79 -1.64
C VAL D 116 -12.29 31.21 -1.10
N ASP D 117 -13.32 31.01 -1.90
CA ASP D 117 -14.68 31.32 -1.49
C ASP D 117 -15.25 30.19 -0.62
N LEU D 118 -15.24 30.40 0.68
CA LEU D 118 -15.77 29.42 1.62
C LEU D 118 -17.18 29.83 2.03
MG MG E . -10.20 -8.89 -17.83
MG MG F . -7.90 -26.01 6.29
MG MG G . -5.34 -24.37 -21.39
C1 MPD H . -14.82 -21.48 -13.55
C2 MPD H . -14.52 -20.72 -14.83
O2 MPD H . -13.41 -21.36 -15.51
CM MPD H . -15.74 -20.77 -15.75
C3 MPD H . -14.14 -19.27 -14.53
C4 MPD H . -13.04 -19.16 -13.49
O4 MPD H . -11.87 -19.78 -13.94
C5 MPD H . -12.71 -17.70 -13.19
MG MG I . 2.60 1.15 11.23
MG MG J . 5.69 22.82 -6.18
MG MG K . -12.84 7.66 7.58
C1 MPD L . -2.87 5.02 -1.52
C2 MPD L . -2.99 4.06 -0.36
O2 MPD L . -4.14 4.43 0.44
CM MPD L . -3.26 2.65 -0.88
C3 MPD L . -1.66 4.06 0.42
C4 MPD L . -1.58 4.84 1.75
O4 MPD L . -0.23 5.08 2.04
C5 MPD L . -2.26 6.20 1.75
#